data_8AEL
#
_entry.id   8AEL
#
_cell.length_a   59.670
_cell.length_b   75.060
_cell.length_c   108.920
_cell.angle_alpha   90.000
_cell.angle_beta   90.000
_cell.angle_gamma   90.000
#
_symmetry.space_group_name_H-M   'P 21 21 21'
#
loop_
_entity.id
_entity.type
_entity.pdbx_description
1 polymer 'Synaptojanin-2-binding protein,Annexin A2'
2 polymer GLY-GLY-GLY-THR-SER-VAL
3 non-polymer 'CALCIUM ION'
4 non-polymer GLYCEROL
5 water water
#
loop_
_entity_poly.entity_id
_entity_poly.type
_entity_poly.pdbx_seq_one_letter_code
_entity_poly.pdbx_strand_id
1 'polypeptide(L)'
;LYLVTEEEINLTRGPSGLGFNIVGGTDQQYVSNDSGIYVSRIKENGAAALDGRLQEGDKILSVNGQDLKNLLHQDAVDLF
RNAGYAVSLRVQHRLQVQGSAYGSVKAYTNFDAERDALNIETAIKTKGVDEVTIVNILTNRSNEQRQDIAFAYQRRTKKE
LASALKSALSGHLETVILGLLKTPAQYDASELKASMKGLGTDEDSLIEIICSRTNQELQEINRVYKEMYKTDLEKDIISD
TSGDFRKLMVALAKGRRAEDGSVIDYELIDQDARDLYDAGVKRKGTDVPKWISIMTERSVPHLQKVFDRYKSYSPYDMLE
SIRKEVKGDLENAFLNLVQCIQNKPLYFADRLYDSMKGKGTRDKVLIRIMVSRSEVDMLKIRSEFKRKYGKSLYYYIQQD
TKGDYQKALLYLCGGDD
;
A
2 'polypeptide(L)' GGGTSV B
#
loop_
_chem_comp.id
_chem_comp.type
_chem_comp.name
_chem_comp.formula
CA non-polymer 'CALCIUM ION' 'Ca 2'
GOL non-polymer GLYCEROL 'C3 H8 O3'
#
# COMPACT_ATOMS: atom_id res chain seq x y z
N LEU A 1 6.98 1.56 -13.78
CA LEU A 1 7.43 0.40 -13.02
C LEU A 1 6.57 -0.85 -13.22
N TYR A 2 5.99 -1.03 -14.42
CA TYR A 2 5.23 -2.22 -14.75
C TYR A 2 5.68 -2.79 -16.10
N LEU A 3 5.12 -3.95 -16.46
CA LEU A 3 5.42 -4.59 -17.75
C LEU A 3 4.13 -5.08 -18.36
N VAL A 4 3.88 -4.71 -19.62
CA VAL A 4 2.65 -5.06 -20.34
C VAL A 4 2.99 -5.93 -21.54
N THR A 5 2.31 -7.07 -21.64
CA THR A 5 2.46 -7.96 -22.78
C THR A 5 1.08 -8.39 -23.25
N GLU A 6 0.84 -8.27 -24.55
CA GLU A 6 -0.40 -8.71 -25.17
C GLU A 6 -0.26 -10.15 -25.66
N GLU A 7 -1.33 -10.92 -25.50
CA GLU A 7 -1.30 -12.34 -25.84
C GLU A 7 -2.68 -12.78 -26.30
N GLU A 8 -2.71 -13.62 -27.34
CA GLU A 8 -3.95 -14.24 -27.78
C GLU A 8 -4.10 -15.60 -27.10
N ILE A 9 -5.23 -15.80 -26.43
CA ILE A 9 -5.50 -17.03 -25.69
C ILE A 9 -6.79 -17.65 -26.24
N ASN A 10 -6.70 -18.90 -26.68
CA ASN A 10 -7.83 -19.60 -27.26
C ASN A 10 -8.30 -20.68 -26.28
N LEU A 11 -9.56 -20.61 -25.89
CA LEU A 11 -10.13 -21.53 -24.91
C LEU A 11 -11.32 -22.27 -25.52
N THR A 12 -11.60 -23.43 -24.94
CA THR A 12 -12.80 -24.20 -25.24
C THR A 12 -13.74 -24.14 -24.04
N ARG A 13 -14.98 -23.73 -24.27
CA ARG A 13 -15.96 -23.71 -23.19
C ARG A 13 -16.40 -25.14 -22.89
N GLY A 14 -16.02 -25.65 -21.73
CA GLY A 14 -16.41 -26.97 -21.30
C GLY A 14 -17.74 -26.96 -20.57
N PRO A 15 -18.07 -28.06 -19.88
CA PRO A 15 -19.39 -28.17 -19.24
C PRO A 15 -19.68 -27.09 -18.19
N SER A 16 -18.65 -26.55 -17.52
CA SER A 16 -18.79 -25.46 -16.55
C SER A 16 -18.29 -24.11 -17.06
N GLY A 17 -18.43 -23.84 -18.35
CA GLY A 17 -18.09 -22.54 -18.88
C GLY A 17 -16.60 -22.32 -19.14
N LEU A 18 -16.24 -21.05 -19.37
CA LEU A 18 -14.84 -20.69 -19.57
C LEU A 18 -14.08 -20.70 -18.25
N GLY A 19 -14.74 -20.35 -17.14
CA GLY A 19 -14.14 -20.49 -15.84
C GLY A 19 -13.47 -19.26 -15.28
N PHE A 20 -13.99 -18.07 -15.56
CA PHE A 20 -13.50 -16.86 -14.92
C PHE A 20 -14.59 -15.81 -14.91
N ASN A 21 -14.46 -14.86 -13.98
CA ASN A 21 -15.37 -13.73 -13.87
C ASN A 21 -14.74 -12.49 -14.48
N ILE A 22 -15.58 -11.63 -15.04
CA ILE A 22 -15.14 -10.39 -15.64
C ILE A 22 -15.79 -9.22 -14.92
N VAL A 23 -14.99 -8.21 -14.62
CA VAL A 23 -15.46 -6.96 -14.05
C VAL A 23 -15.12 -5.84 -15.03
N GLY A 24 -15.91 -4.77 -14.98
CA GLY A 24 -15.60 -3.60 -15.76
C GLY A 24 -16.74 -3.17 -16.63
N GLY A 25 -16.46 -2.25 -17.52
CA GLY A 25 -17.46 -1.57 -18.32
C GLY A 25 -17.59 -0.11 -17.93
N THR A 26 -18.18 0.66 -18.84
CA THR A 26 -18.33 2.09 -18.60
C THR A 26 -19.20 2.40 -17.39
N ASP A 27 -20.00 1.44 -16.93
CA ASP A 27 -20.94 1.66 -15.84
C ASP A 27 -20.64 0.81 -14.61
N GLN A 28 -19.49 0.14 -14.56
CA GLN A 28 -19.06 -0.69 -13.43
C GLN A 28 -17.54 -0.69 -13.39
N GLN A 29 -16.94 0.49 -13.25
CA GLN A 29 -15.53 0.67 -13.59
C GLN A 29 -14.61 -0.01 -12.57
N TYR A 30 -13.71 -0.86 -13.10
CA TYR A 30 -12.79 -1.66 -12.29
C TYR A 30 -11.96 -0.78 -11.35
N VAL A 31 -11.39 0.29 -11.88
CA VAL A 31 -10.86 1.39 -11.09
C VAL A 31 -11.48 2.67 -11.63
N SER A 32 -11.09 3.80 -11.05
CA SER A 32 -11.78 5.06 -11.31
C SER A 32 -11.62 5.49 -12.76
N ASN A 33 -12.75 5.67 -13.44
CA ASN A 33 -12.81 6.16 -14.82
C ASN A 33 -12.15 5.20 -15.82
N ASP A 34 -11.99 3.94 -15.45
CA ASP A 34 -11.43 2.91 -16.33
C ASP A 34 -12.56 2.01 -16.80
N SER A 35 -12.88 2.07 -18.09
CA SER A 35 -13.97 1.29 -18.67
C SER A 35 -13.52 -0.08 -19.19
N GLY A 36 -12.29 -0.49 -18.90
CA GLY A 36 -11.80 -1.75 -19.42
C GLY A 36 -12.48 -2.95 -18.78
N ILE A 37 -12.51 -4.05 -19.53
CA ILE A 37 -13.02 -5.32 -19.03
C ILE A 37 -11.85 -6.12 -18.49
N TYR A 38 -11.96 -6.54 -17.23
CA TYR A 38 -10.86 -7.20 -16.54
C TYR A 38 -11.31 -8.54 -15.98
N VAL A 39 -10.33 -9.41 -15.77
CA VAL A 39 -10.57 -10.71 -15.14
C VAL A 39 -10.40 -10.55 -13.63
N SER A 40 -11.45 -10.88 -12.88
CA SER A 40 -11.43 -10.78 -11.42
C SER A 40 -11.04 -12.11 -10.78
N ARG A 41 -11.79 -13.18 -11.05
CA ARG A 41 -11.52 -14.49 -10.50
C ARG A 41 -11.17 -15.47 -11.60
N ILE A 42 -10.51 -16.56 -11.21
CA ILE A 42 -10.21 -17.68 -12.11
C ILE A 42 -10.49 -18.97 -11.34
N LYS A 43 -11.41 -19.78 -11.86
CA LYS A 43 -11.93 -20.94 -11.12
C LYS A 43 -11.02 -22.16 -11.29
N GLU A 44 -10.78 -22.85 -10.17
CA GLU A 44 -10.01 -24.08 -10.20
C GLU A 44 -10.73 -25.14 -11.03
N ASN A 45 -9.97 -25.91 -11.79
CA ASN A 45 -10.45 -26.98 -12.65
C ASN A 45 -11.24 -26.48 -13.86
N GLY A 46 -11.33 -25.17 -14.05
CA GLY A 46 -12.04 -24.63 -15.20
C GLY A 46 -11.18 -24.57 -16.45
N ALA A 47 -11.78 -24.05 -17.51
CA ALA A 47 -11.09 -24.01 -18.80
C ALA A 47 -9.91 -23.05 -18.76
N ALA A 48 -10.11 -21.85 -18.18
CA ALA A 48 -9.03 -20.87 -18.14
C ALA A 48 -7.89 -21.36 -17.25
N ALA A 49 -8.20 -22.01 -16.14
CA ALA A 49 -7.16 -22.49 -15.24
C ALA A 49 -6.35 -23.61 -15.89
N LEU A 50 -7.01 -24.64 -16.40
CA LEU A 50 -6.31 -25.75 -17.04
C LEU A 50 -5.43 -25.29 -18.19
N ASP A 51 -5.81 -24.18 -18.84
CA ASP A 51 -4.98 -23.63 -19.89
C ASP A 51 -3.75 -22.93 -19.30
N GLY A 52 -3.97 -22.03 -18.34
CA GLY A 52 -2.91 -21.44 -17.57
C GLY A 52 -2.44 -20.08 -18.04
N ARG A 53 -2.74 -19.69 -19.29
CA ARG A 53 -2.17 -18.46 -19.83
C ARG A 53 -2.87 -17.23 -19.26
N LEU A 54 -4.18 -17.31 -19.02
CA LEU A 54 -4.92 -16.18 -18.49
C LEU A 54 -4.69 -16.05 -16.99
N GLN A 55 -4.55 -14.80 -16.53
CA GLN A 55 -4.25 -14.51 -15.14
C GLN A 55 -5.25 -13.51 -14.58
N GLU A 56 -5.45 -13.56 -13.26
CA GLU A 56 -6.30 -12.59 -12.60
C GLU A 56 -5.73 -11.19 -12.77
N GLY A 57 -6.61 -10.22 -13.03
CA GLY A 57 -6.18 -8.87 -13.30
C GLY A 57 -5.84 -8.60 -14.75
N ASP A 58 -5.93 -9.59 -15.62
CA ASP A 58 -5.71 -9.36 -17.05
C ASP A 58 -6.79 -8.44 -17.60
N LYS A 59 -6.41 -7.64 -18.59
CA LYS A 59 -7.36 -6.84 -19.35
C LYS A 59 -7.70 -7.60 -20.63
N ILE A 60 -9.00 -7.74 -20.90
CA ILE A 60 -9.48 -8.46 -22.07
C ILE A 60 -9.69 -7.45 -23.19
N LEU A 61 -8.84 -7.49 -24.21
CA LEU A 61 -8.92 -6.52 -25.30
C LEU A 61 -10.05 -6.85 -26.27
N SER A 62 -10.25 -8.13 -26.57
CA SER A 62 -11.25 -8.49 -27.58
C SER A 62 -11.68 -9.94 -27.39
N VAL A 63 -12.88 -10.24 -27.87
CA VAL A 63 -13.45 -11.57 -27.81
C VAL A 63 -13.90 -11.95 -29.21
N ASN A 64 -13.34 -13.01 -29.77
CA ASN A 64 -13.62 -13.45 -31.13
C ASN A 64 -13.46 -12.28 -32.12
N GLY A 65 -12.39 -11.51 -31.95
CA GLY A 65 -12.14 -10.37 -32.79
C GLY A 65 -12.94 -9.12 -32.47
N GLN A 66 -13.87 -9.19 -31.53
CA GLN A 66 -14.73 -8.06 -31.20
C GLN A 66 -14.15 -7.31 -30.02
N ASP A 67 -13.84 -6.03 -30.21
CA ASP A 67 -13.17 -5.24 -29.19
C ASP A 67 -14.10 -4.93 -28.02
N LEU A 68 -13.56 -5.03 -26.81
CA LEU A 68 -14.29 -4.66 -25.59
C LEU A 68 -13.89 -3.27 -25.12
N LYS A 69 -13.96 -2.30 -26.03
CA LYS A 69 -13.55 -0.93 -25.75
C LYS A 69 -14.78 -0.05 -25.54
N ASN A 70 -14.85 0.58 -24.37
CA ASN A 70 -15.93 1.52 -24.03
C ASN A 70 -17.30 0.86 -24.16
N LEU A 71 -17.42 -0.34 -23.62
CA LEU A 71 -18.69 -1.07 -23.64
C LEU A 71 -19.38 -0.97 -22.29
N LEU A 72 -20.71 -0.99 -22.33
CA LEU A 72 -21.48 -1.23 -21.12
C LEU A 72 -21.15 -2.63 -20.61
N HIS A 73 -21.24 -2.81 -19.28
CA HIS A 73 -20.91 -4.10 -18.71
C HIS A 73 -21.76 -5.22 -19.32
N GLN A 74 -23.04 -4.94 -19.57
CA GLN A 74 -23.93 -5.96 -20.09
C GLN A 74 -23.56 -6.35 -21.52
N ASP A 75 -23.15 -5.38 -22.33
CA ASP A 75 -22.76 -5.69 -23.71
C ASP A 75 -21.50 -6.54 -23.74
N ALA A 76 -20.59 -6.33 -22.80
CA ALA A 76 -19.43 -7.20 -22.69
C ALA A 76 -19.84 -8.60 -22.25
N VAL A 77 -20.71 -8.68 -21.24
CA VAL A 77 -21.25 -9.96 -20.81
C VAL A 77 -21.91 -10.68 -21.98
N ASP A 78 -22.73 -9.95 -22.76
CA ASP A 78 -23.48 -10.56 -23.84
C ASP A 78 -22.57 -11.13 -24.92
N LEU A 79 -21.43 -10.49 -25.18
CA LEU A 79 -20.49 -11.02 -26.16
C LEU A 79 -19.92 -12.36 -25.70
N PHE A 80 -19.69 -12.50 -24.39
CA PHE A 80 -19.24 -13.79 -23.86
C PHE A 80 -20.37 -14.82 -23.89
N ARG A 81 -21.57 -14.41 -23.45
CA ARG A 81 -22.69 -15.33 -23.37
C ARG A 81 -23.08 -15.88 -24.74
N ASN A 82 -22.87 -15.10 -25.80
CA ASN A 82 -23.30 -15.49 -27.13
C ASN A 82 -22.13 -15.93 -28.01
N ALA A 83 -20.92 -16.02 -27.47
CA ALA A 83 -19.83 -16.62 -28.21
C ALA A 83 -20.01 -18.13 -28.25
N GLY A 84 -19.37 -18.77 -29.24
CA GLY A 84 -19.46 -20.21 -29.37
C GLY A 84 -18.69 -20.93 -28.28
N TYR A 85 -18.39 -22.22 -28.49
CA TYR A 85 -17.57 -22.94 -27.53
C TYR A 85 -16.08 -22.71 -27.76
N ALA A 86 -15.68 -22.35 -28.98
CA ALA A 86 -14.32 -21.93 -29.28
C ALA A 86 -14.26 -20.41 -29.16
N VAL A 87 -13.65 -19.92 -28.09
CA VAL A 87 -13.57 -18.49 -27.80
C VAL A 87 -12.11 -18.07 -27.86
N SER A 88 -11.81 -17.06 -28.67
CA SER A 88 -10.47 -16.49 -28.82
C SER A 88 -10.41 -15.16 -28.09
N LEU A 89 -9.47 -15.02 -27.16
CA LEU A 89 -9.31 -13.80 -26.38
C LEU A 89 -7.97 -13.15 -26.68
N ARG A 90 -8.00 -11.85 -26.96
CA ARG A 90 -6.80 -11.03 -26.90
C ARG A 90 -6.75 -10.40 -25.51
N VAL A 91 -5.62 -10.58 -24.83
CA VAL A 91 -5.50 -10.25 -23.42
C VAL A 91 -4.22 -9.44 -23.20
N GLN A 92 -4.29 -8.49 -22.28
CA GLN A 92 -3.14 -7.68 -21.89
C GLN A 92 -2.75 -8.03 -20.46
N HIS A 93 -1.54 -8.51 -20.27
CA HIS A 93 -1.02 -8.80 -18.94
C HIS A 93 -0.29 -7.58 -18.37
N ARG A 94 -0.45 -7.35 -17.08
CA ARG A 94 0.24 -6.29 -16.36
C ARG A 94 1.06 -6.90 -15.24
N LEU A 95 2.34 -6.54 -15.19
CA LEU A 95 3.29 -7.22 -14.32
C LEU A 95 3.97 -6.25 -13.36
N GLN A 96 4.51 -6.81 -12.28
N GLN A 96 4.50 -6.81 -12.28
CA GLN A 96 5.22 -6.06 -11.25
CA GLN A 96 5.23 -6.05 -11.25
C GLN A 96 6.51 -6.82 -10.94
C GLN A 96 6.51 -6.82 -10.93
N VAL A 97 7.62 -6.39 -11.51
CA VAL A 97 8.89 -7.09 -11.37
C VAL A 97 9.91 -6.27 -10.59
N GLN A 98 9.50 -5.74 -9.42
CA GLN A 98 10.39 -4.92 -8.61
C GLN A 98 10.68 -5.54 -7.25
N GLY A 99 9.66 -5.75 -6.42
CA GLY A 99 9.87 -6.34 -5.11
C GLY A 99 10.51 -5.41 -4.12
N SER A 100 11.66 -5.80 -3.57
CA SER A 100 12.34 -5.01 -2.55
C SER A 100 13.71 -4.55 -3.03
N ALA A 101 13.78 -4.03 -4.26
CA ALA A 101 15.05 -3.55 -4.79
C ALA A 101 15.51 -2.28 -4.09
N TYR A 102 14.58 -1.51 -3.53
CA TYR A 102 14.91 -0.28 -2.81
C TYR A 102 14.70 -0.39 -1.31
N GLY A 103 14.45 -1.59 -0.80
CA GLY A 103 14.42 -1.79 0.63
C GLY A 103 15.81 -1.97 1.20
N SER A 104 15.95 -1.65 2.48
CA SER A 104 17.23 -1.84 3.15
C SER A 104 17.40 -3.24 3.71
N VAL A 105 16.31 -3.92 4.07
CA VAL A 105 16.36 -5.27 4.60
C VAL A 105 16.19 -6.26 3.45
N LYS A 106 17.23 -7.04 3.18
CA LYS A 106 17.22 -8.03 2.12
C LYS A 106 17.11 -9.43 2.71
N ALA A 107 16.72 -10.37 1.86
CA ALA A 107 16.65 -11.77 2.27
C ALA A 107 18.05 -12.30 2.57
N TYR A 108 18.21 -12.89 3.76
CA TYR A 108 19.48 -13.49 4.13
C TYR A 108 19.74 -14.73 3.26
N THR A 109 20.92 -14.77 2.63
CA THR A 109 21.19 -15.82 1.65
C THR A 109 21.39 -17.18 2.33
N ASN A 110 22.07 -17.21 3.48
CA ASN A 110 22.33 -18.47 4.18
C ASN A 110 21.25 -18.77 5.23
N PHE A 111 19.99 -18.54 4.89
CA PHE A 111 18.91 -18.61 5.86
C PHE A 111 18.63 -20.06 6.27
N ASP A 112 18.49 -20.28 7.58
CA ASP A 112 18.13 -21.58 8.15
C ASP A 112 17.08 -21.30 9.22
N ALA A 113 15.80 -21.49 8.85
CA ALA A 113 14.70 -21.13 9.75
C ALA A 113 14.78 -21.90 11.06
N GLU A 114 15.02 -23.21 10.99
CA GLU A 114 15.11 -24.03 12.18
C GLU A 114 16.28 -23.60 13.06
N ARG A 115 17.40 -23.22 12.44
CA ARG A 115 18.55 -22.76 13.20
C ARG A 115 18.26 -21.43 13.88
N ASP A 116 17.69 -20.48 13.13
CA ASP A 116 17.28 -19.20 13.70
C ASP A 116 16.35 -19.39 14.88
N ALA A 117 15.34 -20.24 14.73
CA ALA A 117 14.39 -20.47 15.81
C ALA A 117 15.09 -21.03 17.04
N LEU A 118 16.02 -21.96 16.85
CA LEU A 118 16.77 -22.50 17.98
C LEU A 118 17.59 -21.43 18.67
N ASN A 119 18.34 -20.64 17.90
CA ASN A 119 19.15 -19.58 18.49
C ASN A 119 18.30 -18.53 19.18
N ILE A 120 17.08 -18.30 18.69
CA ILE A 120 16.22 -17.32 19.34
C ILE A 120 15.65 -17.89 20.64
N GLU A 121 15.28 -19.17 20.66
CA GLU A 121 14.86 -19.78 21.90
C GLU A 121 15.97 -19.71 22.94
N THR A 122 17.20 -20.07 22.54
CA THR A 122 18.32 -20.01 23.46
C THR A 122 18.55 -18.60 23.97
N ALA A 123 18.47 -17.60 23.08
CA ALA A 123 18.61 -16.22 23.51
C ALA A 123 17.48 -15.81 24.45
N ILE A 124 16.30 -16.40 24.29
CA ILE A 124 15.17 -16.06 25.15
C ILE A 124 15.35 -16.65 26.54
N LYS A 125 15.69 -17.94 26.61
CA LYS A 125 15.81 -18.62 27.90
C LYS A 125 17.11 -18.31 28.63
N THR A 126 18.09 -17.70 27.97
CA THR A 126 19.32 -17.31 28.66
C THR A 126 18.98 -16.39 29.83
N LYS A 127 19.69 -16.59 30.95
CA LYS A 127 19.49 -15.78 32.14
C LYS A 127 19.69 -14.31 31.81
N GLY A 128 18.62 -13.52 31.85
CA GLY A 128 18.69 -12.12 31.53
C GLY A 128 18.32 -11.75 30.10
N VAL A 129 18.07 -12.74 29.24
CA VAL A 129 17.64 -12.55 27.85
C VAL A 129 18.76 -11.95 27.00
N ASP A 130 19.08 -12.62 25.89
CA ASP A 130 20.10 -12.15 24.96
C ASP A 130 19.41 -11.32 23.87
N GLU A 131 19.17 -10.04 24.19
N GLU A 131 19.17 -10.04 24.19
CA GLU A 131 18.47 -9.17 23.25
CA GLU A 131 18.47 -9.17 23.26
C GLU A 131 19.29 -8.94 21.99
C GLU A 131 19.28 -8.93 22.00
N VAL A 132 20.61 -8.86 22.13
CA VAL A 132 21.47 -8.57 20.98
C VAL A 132 21.31 -9.65 19.92
N THR A 133 21.35 -10.93 20.32
CA THR A 133 21.14 -12.01 19.36
C THR A 133 19.76 -11.92 18.73
N ILE A 134 18.73 -11.68 19.54
CA ILE A 134 17.37 -11.57 19.02
C ILE A 134 17.28 -10.46 17.98
N VAL A 135 17.89 -9.30 18.28
CA VAL A 135 17.86 -8.18 17.36
C VAL A 135 18.71 -8.47 16.13
N ASN A 136 19.91 -9.01 16.33
CA ASN A 136 20.80 -9.30 15.20
C ASN A 136 20.12 -10.19 14.17
N ILE A 137 19.39 -11.19 14.65
CA ILE A 137 18.74 -12.15 13.75
C ILE A 137 17.57 -11.51 13.04
N LEU A 138 16.56 -11.07 13.80
CA LEU A 138 15.28 -10.71 13.21
C LEU A 138 15.37 -9.47 12.33
N THR A 139 16.22 -8.51 12.67
CA THR A 139 16.37 -7.31 11.84
C THR A 139 17.27 -7.54 10.62
N ASN A 140 17.79 -8.74 10.44
CA ASN A 140 18.60 -9.08 9.27
C ASN A 140 18.02 -10.28 8.53
N ARG A 141 16.71 -10.49 8.69
CA ARG A 141 15.94 -11.42 7.87
C ARG A 141 14.76 -10.67 7.27
N SER A 142 14.37 -11.06 6.06
CA SER A 142 13.20 -10.47 5.45
C SER A 142 11.94 -10.89 6.21
N ASN A 143 10.85 -10.13 5.99
CA ASN A 143 9.61 -10.37 6.72
C ASN A 143 9.14 -11.81 6.54
N GLU A 144 9.21 -12.34 5.31
CA GLU A 144 8.73 -13.70 5.07
C GLU A 144 9.61 -14.72 5.77
N GLN A 145 10.93 -14.48 5.83
CA GLN A 145 11.80 -15.35 6.61
C GLN A 145 11.46 -15.32 8.09
N ARG A 146 11.04 -14.16 8.60
CA ARG A 146 10.62 -14.09 10.00
C ARG A 146 9.40 -14.95 10.24
N GLN A 147 8.49 -15.01 9.26
CA GLN A 147 7.33 -15.90 9.36
C GLN A 147 7.77 -17.35 9.50
N ASP A 148 8.78 -17.77 8.72
CA ASP A 148 9.26 -19.14 8.80
C ASP A 148 9.97 -19.41 10.13
N ILE A 149 10.70 -18.41 10.64
CA ILE A 149 11.28 -18.52 11.98
C ILE A 149 10.17 -18.74 13.01
N ALA A 150 9.11 -17.92 12.92
CA ALA A 150 8.00 -18.03 13.87
C ALA A 150 7.33 -19.40 13.79
N PHE A 151 7.16 -19.94 12.58
CA PHE A 151 6.51 -21.24 12.44
C PHE A 151 7.35 -22.34 13.07
N ALA A 152 8.66 -22.32 12.83
CA ALA A 152 9.52 -23.35 13.40
C ALA A 152 9.62 -23.21 14.91
N TYR A 153 9.61 -21.97 15.40
CA TYR A 153 9.66 -21.75 16.85
C TYR A 153 8.46 -22.36 17.54
N GLN A 154 7.27 -22.14 16.99
CA GLN A 154 6.08 -22.78 17.53
C GLN A 154 6.18 -24.30 17.44
N ARG A 155 6.70 -24.81 16.32
CA ARG A 155 6.82 -26.25 16.16
C ARG A 155 7.76 -26.85 17.20
N ARG A 156 8.81 -26.12 17.57
CA ARG A 156 9.80 -26.65 18.50
C ARG A 156 9.38 -26.45 19.96
N THR A 157 8.90 -25.26 20.31
CA THR A 157 8.55 -24.95 21.68
C THR A 157 7.06 -25.07 21.99
N LYS A 158 6.22 -25.31 20.98
CA LYS A 158 4.77 -25.35 21.19
C LYS A 158 4.27 -24.08 21.88
N LYS A 159 4.93 -22.97 21.59
CA LYS A 159 4.55 -21.64 22.03
C LYS A 159 4.87 -20.66 20.90
N GLU A 160 4.02 -19.65 20.75
CA GLU A 160 4.20 -18.70 19.69
C GLU A 160 5.38 -17.76 19.99
N LEU A 161 6.17 -17.48 18.96
CA LEU A 161 7.35 -16.64 19.12
C LEU A 161 6.98 -15.26 19.62
N ALA A 162 5.86 -14.71 19.13
CA ALA A 162 5.46 -13.37 19.54
C ALA A 162 5.10 -13.33 21.02
N SER A 163 4.41 -14.36 21.50
N SER A 163 4.44 -14.37 21.52
CA SER A 163 4.10 -14.45 22.93
CA SER A 163 4.09 -14.43 22.93
C SER A 163 5.36 -14.48 23.77
C SER A 163 5.34 -14.54 23.81
N ALA A 164 6.32 -15.34 23.40
CA ALA A 164 7.55 -15.44 24.16
C ALA A 164 8.32 -14.13 24.17
N LEU A 165 8.27 -13.40 23.06
CA LEU A 165 8.98 -12.13 23.00
C LEU A 165 8.26 -11.04 23.79
N LYS A 166 6.94 -11.14 23.94
CA LYS A 166 6.22 -10.21 24.80
C LYS A 166 6.71 -10.29 26.23
N SER A 167 7.18 -11.47 26.66
CA SER A 167 7.68 -11.65 28.02
C SER A 167 9.18 -11.44 28.13
N ALA A 168 9.93 -11.64 27.05
CA ALA A 168 11.37 -11.46 27.11
C ALA A 168 11.81 -10.04 26.79
N LEU A 169 10.97 -9.23 26.18
CA LEU A 169 11.32 -7.87 25.78
C LEU A 169 10.42 -6.86 26.49
N SER A 170 10.76 -5.59 26.34
CA SER A 170 9.97 -4.52 26.92
C SER A 170 10.25 -3.22 26.16
N GLY A 171 9.52 -2.17 26.52
CA GLY A 171 9.78 -0.85 25.98
C GLY A 171 9.68 -0.78 24.48
N HIS A 172 10.42 0.16 23.89
CA HIS A 172 10.34 0.40 22.46
C HIS A 172 10.90 -0.76 21.66
N LEU A 173 11.89 -1.48 22.20
CA LEU A 173 12.43 -2.63 21.47
C LEU A 173 11.36 -3.68 21.24
N GLU A 174 10.51 -3.95 22.24
CA GLU A 174 9.42 -4.88 22.05
C GLU A 174 8.49 -4.44 20.94
N THR A 175 8.17 -3.13 20.88
CA THR A 175 7.29 -2.63 19.85
C THR A 175 7.87 -2.88 18.45
N VAL A 176 9.17 -2.65 18.28
CA VAL A 176 9.80 -2.87 16.97
C VAL A 176 9.76 -4.35 16.61
N ILE A 177 10.23 -5.21 17.52
CA ILE A 177 10.38 -6.63 17.22
C ILE A 177 9.02 -7.26 16.93
N LEU A 178 8.01 -6.89 17.73
CA LEU A 178 6.66 -7.40 17.48
C LEU A 178 6.12 -6.89 16.15
N GLY A 179 6.48 -5.67 15.75
CA GLY A 179 6.05 -5.17 14.45
C GLY A 179 6.69 -5.91 13.30
N LEU A 180 7.98 -6.25 13.43
CA LEU A 180 8.68 -6.97 12.38
C LEU A 180 8.11 -8.36 12.16
N LEU A 181 7.53 -8.96 13.21
CA LEU A 181 7.04 -10.33 13.13
C LEU A 181 5.70 -10.44 12.43
N LYS A 182 4.98 -9.34 12.25
CA LYS A 182 3.75 -9.37 11.47
C LYS A 182 4.07 -9.19 10.00
N THR A 183 3.24 -9.81 9.15
CA THR A 183 3.32 -9.54 7.72
C THR A 183 2.95 -8.08 7.46
N PRO A 184 3.34 -7.53 6.30
CA PRO A 184 3.00 -6.12 6.02
C PRO A 184 1.53 -5.80 6.16
N ALA A 185 0.65 -6.65 5.61
CA ALA A 185 -0.78 -6.39 5.71
C ALA A 185 -1.27 -6.50 7.15
N GLN A 186 -0.74 -7.49 7.90
CA GLN A 186 -1.12 -7.63 9.30
C GLN A 186 -0.65 -6.44 10.12
N TYR A 187 0.56 -5.94 9.86
CA TYR A 187 1.07 -4.81 10.62
C TYR A 187 0.22 -3.57 10.37
N ASP A 188 -0.07 -3.28 9.10
CA ASP A 188 -0.87 -2.10 8.76
C ASP A 188 -2.28 -2.20 9.30
N ALA A 189 -2.90 -3.39 9.17
CA ALA A 189 -4.26 -3.56 9.67
C ALA A 189 -4.32 -3.38 11.18
N SER A 190 -3.34 -3.91 11.90
CA SER A 190 -3.33 -3.77 13.36
C SER A 190 -3.05 -2.33 13.78
N GLU A 191 -2.18 -1.65 13.05
CA GLU A 191 -1.94 -0.23 13.31
C GLU A 191 -3.19 0.59 13.03
N LEU A 192 -3.91 0.27 11.94
CA LEU A 192 -5.17 0.96 11.67
C LEU A 192 -6.21 0.65 12.74
N LYS A 193 -6.36 -0.63 13.10
CA LYS A 193 -7.32 -1.01 14.12
C LYS A 193 -7.01 -0.36 15.46
N ALA A 194 -5.72 -0.26 15.81
CA ALA A 194 -5.34 0.35 17.08
C ALA A 194 -5.60 1.85 17.09
N SER A 195 -5.82 2.47 15.94
CA SER A 195 -6.01 3.90 15.88
C SER A 195 -7.46 4.33 16.10
N MET A 196 -8.42 3.42 15.99
CA MET A 196 -9.83 3.79 15.99
C MET A 196 -10.37 3.68 17.42
N LYS A 197 -10.71 4.82 17.99
CA LYS A 197 -11.14 4.93 19.38
C LYS A 197 -12.34 5.87 19.46
N GLY A 198 -13.27 5.71 18.53
CA GLY A 198 -14.44 6.57 18.51
C GLY A 198 -14.03 8.02 18.34
N LEU A 199 -14.45 8.85 19.29
CA LEU A 199 -14.11 10.26 19.24
C LEU A 199 -12.63 10.53 19.48
N GLY A 200 -11.91 9.55 20.05
CA GLY A 200 -10.49 9.71 20.30
C GLY A 200 -9.63 8.99 19.28
N THR A 201 -10.10 8.93 18.04
CA THR A 201 -9.38 8.23 16.98
C THR A 201 -8.05 8.91 16.69
N ASP A 202 -7.00 8.10 16.54
CA ASP A 202 -5.67 8.57 16.16
C ASP A 202 -5.70 8.88 14.66
N GLU A 203 -6.16 10.09 14.33
CA GLU A 203 -6.32 10.48 12.93
C GLU A 203 -4.97 10.57 12.22
N ASP A 204 -3.91 10.97 12.92
CA ASP A 204 -2.61 11.08 12.30
C ASP A 204 -2.14 9.75 11.73
N SER A 205 -2.39 8.65 12.46
CA SER A 205 -1.96 7.34 12.01
C SER A 205 -2.84 6.83 10.88
N LEU A 206 -4.15 7.09 10.94
CA LEU A 206 -5.04 6.80 9.82
C LEU A 206 -4.54 7.49 8.56
N ILE A 207 -4.25 8.79 8.68
CA ILE A 207 -3.79 9.57 7.54
C ILE A 207 -2.50 8.97 6.97
N GLU A 208 -1.55 8.66 7.85
CA GLU A 208 -0.25 8.17 7.40
C GLU A 208 -0.40 6.89 6.56
N ILE A 209 -1.17 5.93 7.06
CA ILE A 209 -1.26 4.64 6.39
C ILE A 209 -2.13 4.75 5.14
N ILE A 210 -3.32 5.34 5.27
CA ILE A 210 -4.27 5.32 4.18
C ILE A 210 -3.81 6.21 3.03
N CYS A 211 -3.08 7.29 3.31
CA CYS A 211 -2.62 8.17 2.24
C CYS A 211 -1.41 7.64 1.50
N SER A 212 -0.65 6.72 2.10
CA SER A 212 0.62 6.28 1.54
C SER A 212 0.58 4.89 0.91
N ARG A 213 -0.46 4.11 1.16
CA ARG A 213 -0.53 2.75 0.63
C ARG A 213 -1.13 2.75 -0.77
N THR A 214 -0.65 1.82 -1.61
CA THR A 214 -1.11 1.71 -2.97
C THR A 214 -2.36 0.82 -3.04
N ASN A 215 -2.90 0.68 -4.26
CA ASN A 215 -4.07 -0.16 -4.49
C ASN A 215 -3.83 -1.58 -4.01
N GLN A 216 -2.72 -2.19 -4.47
CA GLN A 216 -2.43 -3.57 -4.14
C GLN A 216 -2.27 -3.76 -2.64
N GLU A 217 -1.49 -2.88 -2.00
CA GLU A 217 -1.33 -2.96 -0.55
C GLU A 217 -2.66 -2.81 0.17
N LEU A 218 -3.49 -1.86 -0.29
CA LEU A 218 -4.75 -1.60 0.40
C LEU A 218 -5.73 -2.75 0.22
N GLN A 219 -5.75 -3.39 -0.95
CA GLN A 219 -6.64 -4.52 -1.13
C GLN A 219 -6.23 -5.69 -0.26
N GLU A 220 -4.93 -5.84 0.02
CA GLU A 220 -4.49 -6.87 0.95
C GLU A 220 -4.81 -6.48 2.39
N ILE A 221 -4.61 -5.20 2.75
CA ILE A 221 -4.98 -4.73 4.07
C ILE A 221 -6.47 -4.90 4.31
N ASN A 222 -7.29 -4.55 3.32
CA ASN A 222 -8.73 -4.74 3.43
C ASN A 222 -9.07 -6.21 3.69
N ARG A 223 -8.44 -7.12 2.96
CA ARG A 223 -8.70 -8.54 3.13
C ARG A 223 -8.24 -9.03 4.50
N VAL A 224 -7.02 -8.65 4.89
CA VAL A 224 -6.48 -9.13 6.17
C VAL A 224 -7.18 -8.46 7.35
N TYR A 225 -7.63 -7.21 7.17
CA TYR A 225 -8.38 -6.55 8.24
C TYR A 225 -9.66 -7.29 8.57
N LYS A 226 -10.38 -7.76 7.54
CA LYS A 226 -11.63 -8.48 7.77
C LYS A 226 -11.37 -9.83 8.44
N GLU A 227 -10.27 -10.50 8.06
CA GLU A 227 -9.95 -11.78 8.68
C GLU A 227 -9.56 -11.61 10.15
N MET A 228 -8.75 -10.60 10.46
CA MET A 228 -8.25 -10.46 11.81
C MET A 228 -9.34 -9.96 12.76
N TYR A 229 -10.14 -9.00 12.32
CA TYR A 229 -11.05 -8.30 13.21
C TYR A 229 -12.51 -8.49 12.86
N LYS A 230 -12.82 -9.33 11.86
CA LYS A 230 -14.19 -9.71 11.53
C LYS A 230 -15.10 -8.49 11.35
N THR A 231 -14.59 -7.49 10.66
CA THR A 231 -15.32 -6.30 10.26
C THR A 231 -14.52 -5.60 9.17
N ASP A 232 -15.22 -5.11 8.15
CA ASP A 232 -14.54 -4.43 7.06
C ASP A 232 -13.89 -3.14 7.56
N LEU A 233 -12.74 -2.80 6.98
CA LEU A 233 -12.01 -1.61 7.39
C LEU A 233 -12.83 -0.35 7.11
N GLU A 234 -13.51 -0.31 5.96
CA GLU A 234 -14.31 0.87 5.61
C GLU A 234 -15.40 1.12 6.66
N LYS A 235 -15.98 0.06 7.20
CA LYS A 235 -16.99 0.23 8.23
C LYS A 235 -16.39 0.81 9.50
N ASP A 236 -15.17 0.40 9.84
CA ASP A 236 -14.49 0.97 11.00
C ASP A 236 -14.10 2.42 10.76
N ILE A 237 -13.73 2.77 9.53
CA ILE A 237 -13.44 4.18 9.21
C ILE A 237 -14.71 5.02 9.34
N ILE A 238 -15.84 4.47 8.87
CA ILE A 238 -17.09 5.23 8.85
C ILE A 238 -17.57 5.52 10.27
N SER A 239 -17.47 4.53 11.18
CA SER A 239 -17.94 4.73 12.54
C SER A 239 -16.91 5.43 13.43
N ASP A 240 -15.76 5.82 12.88
CA ASP A 240 -14.73 6.48 13.67
C ASP A 240 -14.29 7.82 13.07
N THR A 241 -14.95 8.28 12.01
CA THR A 241 -14.63 9.57 11.39
C THR A 241 -15.93 10.27 11.04
N SER A 242 -15.82 11.52 10.60
CA SER A 242 -16.99 12.29 10.22
C SER A 242 -16.62 13.32 9.16
N GLY A 243 -17.64 13.85 8.50
CA GLY A 243 -17.50 14.94 7.55
C GLY A 243 -16.65 14.59 6.34
N ASP A 244 -16.07 15.65 5.74
CA ASP A 244 -15.28 15.46 4.53
C ASP A 244 -14.03 14.63 4.79
N PHE A 245 -13.53 14.63 6.03
CA PHE A 245 -12.39 13.77 6.36
C PHE A 245 -12.76 12.30 6.21
N ARG A 246 -13.96 11.92 6.63
CA ARG A 246 -14.41 10.55 6.47
C ARG A 246 -14.53 10.18 5.00
N LYS A 247 -15.14 11.06 4.19
CA LYS A 247 -15.31 10.78 2.77
C LYS A 247 -13.96 10.56 2.09
N LEU A 248 -12.99 11.43 2.39
CA LEU A 248 -11.65 11.27 1.83
C LEU A 248 -11.02 9.95 2.28
N MET A 249 -11.10 9.65 3.58
CA MET A 249 -10.48 8.42 4.09
C MET A 249 -11.15 7.18 3.50
N VAL A 250 -12.47 7.20 3.38
CA VAL A 250 -13.19 6.08 2.77
C VAL A 250 -12.76 5.90 1.32
N ALA A 251 -12.72 7.01 0.56
CA ALA A 251 -12.37 6.91 -0.86
C ALA A 251 -10.97 6.36 -1.06
N LEU A 252 -10.00 6.85 -0.28
CA LEU A 252 -8.64 6.36 -0.43
C LEU A 252 -8.51 4.90 -0.02
N ALA A 253 -9.21 4.50 1.06
CA ALA A 253 -9.05 3.15 1.59
C ALA A 253 -9.68 2.09 0.69
N LYS A 254 -10.52 2.48 -0.27
CA LYS A 254 -11.02 1.51 -1.24
C LYS A 254 -9.90 0.92 -2.08
N GLY A 255 -8.79 1.64 -2.23
CA GLY A 255 -7.68 1.14 -3.04
C GLY A 255 -8.06 0.92 -4.49
N ARG A 256 -8.89 1.80 -5.05
CA ARG A 256 -9.33 1.70 -6.45
C ARG A 256 -8.91 2.93 -7.25
N ARG A 257 -7.74 3.48 -6.91
CA ARG A 257 -7.15 4.53 -7.75
C ARG A 257 -6.81 3.97 -9.13
N ALA A 258 -6.96 4.81 -10.15
CA ALA A 258 -6.63 4.38 -11.50
C ALA A 258 -5.16 4.01 -11.60
N GLU A 259 -4.88 2.90 -12.28
CA GLU A 259 -3.52 2.54 -12.60
C GLU A 259 -3.00 3.44 -13.71
N ASP A 260 -1.69 3.68 -13.71
N ASP A 260 -1.68 3.65 -13.72
CA ASP A 260 -1.10 4.57 -14.69
CA ASP A 260 -1.06 4.56 -14.68
C ASP A 260 -1.17 3.95 -16.08
C ASP A 260 -1.15 3.95 -16.09
N GLY A 261 -1.94 4.58 -16.95
CA GLY A 261 -2.02 4.12 -18.33
C GLY A 261 -0.76 4.43 -19.10
N SER A 262 -0.62 3.75 -20.25
CA SER A 262 0.58 3.95 -21.07
C SER A 262 0.59 5.34 -21.69
N VAL A 263 -0.55 5.77 -22.22
CA VAL A 263 -0.65 7.11 -22.81
C VAL A 263 -0.77 8.14 -21.69
N ILE A 264 -0.14 9.28 -21.88
CA ILE A 264 -0.24 10.40 -20.95
C ILE A 264 -1.38 11.29 -21.42
N ASP A 265 -2.37 11.50 -20.56
CA ASP A 265 -3.57 12.26 -20.92
C ASP A 265 -3.31 13.72 -20.62
N TYR A 266 -2.73 14.44 -21.58
CA TYR A 266 -2.36 15.82 -21.37
C TYR A 266 -3.58 16.72 -21.27
N GLU A 267 -4.64 16.42 -22.02
CA GLU A 267 -5.86 17.21 -21.93
C GLU A 267 -6.51 17.08 -20.55
N LEU A 268 -6.60 15.86 -20.03
CA LEU A 268 -7.16 15.67 -18.70
C LEU A 268 -6.27 16.25 -17.61
N ILE A 269 -4.95 16.25 -17.84
CA ILE A 269 -4.03 16.88 -16.89
C ILE A 269 -4.36 18.36 -16.74
N ASP A 270 -4.57 19.05 -17.86
CA ASP A 270 -4.87 20.47 -17.83
C ASP A 270 -6.26 20.72 -17.23
N GLN A 271 -7.25 19.90 -17.61
CA GLN A 271 -8.59 20.10 -17.09
C GLN A 271 -8.66 19.84 -15.59
N ASP A 272 -8.02 18.76 -15.11
CA ASP A 272 -7.95 18.52 -13.67
C ASP A 272 -7.30 19.69 -12.95
N ALA A 273 -6.22 20.24 -13.52
CA ALA A 273 -5.54 21.37 -12.91
C ALA A 273 -6.48 22.57 -12.79
N ARG A 274 -7.20 22.89 -13.86
CA ARG A 274 -8.16 23.99 -13.81
C ARG A 274 -9.25 23.71 -12.77
N ASP A 275 -9.74 22.47 -12.72
CA ASP A 275 -10.81 22.14 -11.79
C ASP A 275 -10.35 22.33 -10.34
N LEU A 276 -9.12 21.90 -10.02
CA LEU A 276 -8.62 22.07 -8.67
C LEU A 276 -8.52 23.55 -8.30
N TYR A 277 -8.12 24.38 -9.26
CA TYR A 277 -8.03 25.82 -9.02
C TYR A 277 -9.42 26.45 -8.92
N ASP A 278 -10.30 26.13 -9.88
CA ASP A 278 -11.67 26.67 -9.84
C ASP A 278 -12.37 26.27 -8.55
N ALA A 279 -12.12 25.05 -8.06
CA ALA A 279 -12.81 24.57 -6.86
C ALA A 279 -12.22 25.14 -5.57
N GLY A 280 -11.03 25.73 -5.61
CA GLY A 280 -10.39 26.19 -4.39
C GLY A 280 -10.00 27.65 -4.38
N VAL A 281 -8.74 27.94 -4.70
CA VAL A 281 -8.19 29.29 -4.59
C VAL A 281 -9.00 30.30 -5.39
N LYS A 282 -9.56 29.89 -6.54
CA LYS A 282 -10.23 30.85 -7.40
C LYS A 282 -11.56 31.34 -6.84
N ARG A 283 -12.19 30.58 -5.94
CA ARG A 283 -13.53 30.88 -5.47
C ARG A 283 -13.54 31.15 -3.98
N LYS A 284 -14.64 31.73 -3.52
CA LYS A 284 -14.90 31.82 -2.08
C LYS A 284 -15.33 30.45 -1.57
N GLY A 285 -14.71 29.99 -0.50
CA GLY A 285 -14.98 28.64 -0.04
C GLY A 285 -14.23 27.61 -0.87
N THR A 286 -14.66 26.36 -0.72
CA THR A 286 -13.97 25.25 -1.38
C THR A 286 -14.97 24.16 -1.75
N ASP A 287 -14.86 23.66 -2.98
CA ASP A 287 -15.62 22.49 -3.43
C ASP A 287 -14.78 21.26 -3.09
N VAL A 288 -14.96 20.77 -1.87
CA VAL A 288 -14.18 19.65 -1.33
C VAL A 288 -14.46 18.35 -2.09
N PRO A 289 -15.72 18.02 -2.43
CA PRO A 289 -15.92 16.79 -3.23
C PRO A 289 -15.15 16.77 -4.54
N LYS A 290 -14.94 17.94 -5.17
CA LYS A 290 -14.15 17.97 -6.39
C LYS A 290 -12.69 17.63 -6.11
N TRP A 291 -12.11 18.20 -5.05
CA TRP A 291 -10.76 17.83 -4.66
C TRP A 291 -10.67 16.34 -4.34
N ILE A 292 -11.63 15.82 -3.59
CA ILE A 292 -11.57 14.42 -3.18
C ILE A 292 -11.59 13.50 -4.39
N SER A 293 -12.52 13.74 -5.31
CA SER A 293 -12.65 12.87 -6.48
C SER A 293 -11.36 12.87 -7.30
N ILE A 294 -10.85 14.06 -7.61
CA ILE A 294 -9.68 14.16 -8.48
C ILE A 294 -8.46 13.54 -7.80
N MET A 295 -8.23 13.85 -6.53
CA MET A 295 -7.02 13.39 -5.85
C MET A 295 -7.06 11.92 -5.48
N THR A 296 -8.23 11.29 -5.47
CA THR A 296 -8.33 9.85 -5.19
C THR A 296 -8.55 9.00 -6.44
N GLU A 297 -9.05 9.57 -7.53
CA GLU A 297 -9.38 8.79 -8.72
C GLU A 297 -8.21 8.68 -9.70
N ARG A 298 -7.46 9.75 -9.90
CA ARG A 298 -6.42 9.75 -10.93
C ARG A 298 -5.18 9.00 -10.45
N SER A 299 -4.45 8.43 -11.42
CA SER A 299 -3.22 7.73 -11.11
C SER A 299 -2.19 8.69 -10.51
N VAL A 300 -1.22 8.11 -9.82
CA VAL A 300 -0.18 8.92 -9.19
C VAL A 300 0.67 9.68 -10.20
N PRO A 301 1.18 9.06 -11.28
CA PRO A 301 1.94 9.85 -12.27
C PRO A 301 1.12 10.97 -12.89
N HIS A 302 -0.15 10.71 -13.19
CA HIS A 302 -1.02 11.75 -13.75
C HIS A 302 -1.14 12.92 -12.79
N LEU A 303 -1.37 12.63 -11.50
CA LEU A 303 -1.53 13.70 -10.52
C LEU A 303 -0.23 14.46 -10.30
N GLN A 304 0.92 13.80 -10.44
CA GLN A 304 2.19 14.51 -10.37
C GLN A 304 2.25 15.62 -11.41
N LYS A 305 1.80 15.34 -12.63
CA LYS A 305 1.76 16.35 -13.67
C LYS A 305 0.64 17.35 -13.47
N VAL A 306 -0.46 16.93 -12.82
CA VAL A 306 -1.55 17.86 -12.54
C VAL A 306 -1.10 18.96 -11.59
N PHE A 307 -0.38 18.59 -10.53
CA PHE A 307 0.05 19.59 -9.55
C PHE A 307 1.06 20.56 -10.14
N ASP A 308 1.85 20.12 -11.11
CA ASP A 308 2.78 21.04 -11.77
CA ASP A 308 2.78 21.06 -11.76
C ASP A 308 2.03 21.98 -12.72
N ARG A 309 1.12 21.43 -13.52
CA ARG A 309 0.26 22.27 -14.37
C ARG A 309 -0.61 23.19 -13.54
N TYR A 310 -0.91 22.81 -12.30
CA TYR A 310 -1.71 23.66 -11.41
C TYR A 310 -1.01 24.98 -11.12
N LYS A 311 0.32 24.96 -11.04
CA LYS A 311 1.07 26.20 -10.77
C LYS A 311 1.04 27.16 -11.94
N SER A 312 0.68 26.69 -13.14
CA SER A 312 0.48 27.61 -14.25
C SER A 312 -0.77 28.46 -14.05
N TYR A 313 -1.77 27.91 -13.35
CA TYR A 313 -3.04 28.59 -13.13
C TYR A 313 -3.11 29.31 -11.78
N SER A 314 -2.50 28.74 -10.75
CA SER A 314 -2.66 29.24 -9.39
C SER A 314 -1.42 29.99 -8.92
N PRO A 315 -1.61 31.11 -8.22
CA PRO A 315 -0.46 31.79 -7.60
C PRO A 315 0.18 30.97 -6.49
N TYR A 316 -0.46 29.92 -6.02
CA TYR A 316 0.04 29.06 -4.96
C TYR A 316 0.10 27.63 -5.48
N ASP A 317 1.11 26.87 -5.05
CA ASP A 317 1.16 25.47 -5.43
C ASP A 317 0.10 24.69 -4.64
N MET A 318 0.01 23.39 -4.91
CA MET A 318 -1.07 22.60 -4.32
C MET A 318 -0.98 22.57 -2.80
N LEU A 319 0.23 22.43 -2.26
CA LEU A 319 0.38 22.31 -0.81
C LEU A 319 -0.02 23.60 -0.10
N GLU A 320 0.57 24.73 -0.50
CA GLU A 320 0.20 25.99 0.15
C GLU A 320 -1.23 26.40 -0.20
N SER A 321 -1.79 25.90 -1.31
CA SER A 321 -3.21 26.11 -1.57
C SER A 321 -4.06 25.38 -0.54
N ILE A 322 -3.67 24.16 -0.17
CA ILE A 322 -4.42 23.40 0.82
C ILE A 322 -4.43 24.14 2.16
N ARG A 323 -3.27 24.67 2.57
CA ARG A 323 -3.20 25.39 3.84
C ARG A 323 -4.08 26.64 3.83
N LYS A 324 -4.32 27.22 2.66
CA LYS A 324 -5.18 28.39 2.57
C LYS A 324 -6.66 28.04 2.45
N GLU A 325 -7.01 26.79 2.16
CA GLU A 325 -8.39 26.44 1.84
C GLU A 325 -9.11 25.65 2.92
N VAL A 326 -8.44 24.72 3.60
CA VAL A 326 -9.10 23.85 4.56
C VAL A 326 -8.30 23.83 5.86
N LYS A 327 -8.91 23.27 6.91
CA LYS A 327 -8.34 23.21 8.24
C LYS A 327 -8.46 21.79 8.79
N GLY A 328 -7.90 21.59 9.98
CA GLY A 328 -8.08 20.39 10.79
C GLY A 328 -7.59 19.12 10.12
N ASP A 329 -8.26 18.01 10.47
CA ASP A 329 -7.88 16.70 9.95
C ASP A 329 -7.97 16.67 8.43
N LEU A 330 -8.95 17.37 7.85
CA LEU A 330 -9.08 17.40 6.40
C LEU A 330 -7.84 18.02 5.76
N GLU A 331 -7.41 19.17 6.28
CA GLU A 331 -6.21 19.81 5.75
C GLU A 331 -4.99 18.91 5.90
N ASN A 332 -4.85 18.25 7.06
N ASN A 332 -4.86 18.24 7.05
CA ASN A 332 -3.71 17.38 7.28
CA ASN A 332 -3.70 17.38 7.29
C ASN A 332 -3.73 16.19 6.33
C ASN A 332 -3.72 16.16 6.38
N ALA A 333 -4.91 15.60 6.12
CA ALA A 333 -5.01 14.47 5.20
C ALA A 333 -4.66 14.88 3.78
N PHE A 334 -5.11 16.06 3.34
CA PHE A 334 -4.77 16.53 2.01
C PHE A 334 -3.27 16.78 1.88
N LEU A 335 -2.65 17.41 2.90
CA LEU A 335 -1.22 17.66 2.87
C LEU A 335 -0.43 16.37 2.79
N ASN A 336 -0.82 15.36 3.57
CA ASN A 336 -0.13 14.08 3.53
C ASN A 336 -0.34 13.37 2.18
N LEU A 337 -1.57 13.41 1.67
CA LEU A 337 -1.85 12.72 0.41
C LEU A 337 -1.06 13.32 -0.74
N VAL A 338 -0.98 14.65 -0.80
CA VAL A 338 -0.26 15.30 -1.90
C VAL A 338 1.23 15.00 -1.82
N GLN A 339 1.80 15.03 -0.61
CA GLN A 339 3.20 14.67 -0.45
C GLN A 339 3.45 13.24 -0.91
N CYS A 340 2.58 12.30 -0.52
CA CYS A 340 2.74 10.93 -0.96
C CYS A 340 2.71 10.82 -2.48
N ILE A 341 1.82 11.58 -3.12
CA ILE A 341 1.73 11.57 -4.58
C ILE A 341 2.97 12.19 -5.20
N GLN A 342 3.38 13.36 -4.70
CA GLN A 342 4.48 14.09 -5.31
C GLN A 342 5.81 13.38 -5.09
N ASN A 343 6.08 12.92 -3.86
CA ASN A 343 7.36 12.28 -3.56
C ASN A 343 7.16 11.48 -2.27
N LYS A 344 6.85 10.20 -2.41
CA LYS A 344 6.58 9.37 -1.24
C LYS A 344 7.83 9.12 -0.40
N PRO A 345 9.00 8.81 -0.99
CA PRO A 345 10.20 8.70 -0.15
C PRO A 345 10.49 9.96 0.65
N LEU A 346 10.35 11.13 0.02
CA LEU A 346 10.56 12.39 0.74
C LEU A 346 9.50 12.58 1.83
N TYR A 347 8.27 12.12 1.57
CA TYR A 347 7.21 12.22 2.55
C TYR A 347 7.57 11.48 3.84
N PHE A 348 8.06 10.24 3.71
CA PHE A 348 8.49 9.52 4.88
C PHE A 348 9.76 10.12 5.48
N ALA A 349 10.66 10.63 4.64
CA ALA A 349 11.86 11.26 5.18
C ALA A 349 11.50 12.47 6.05
N ASP A 350 10.52 13.27 5.62
CA ASP A 350 10.10 14.41 6.42
C ASP A 350 9.40 13.95 7.70
N ARG A 351 8.59 12.89 7.61
CA ARG A 351 7.93 12.38 8.80
C ARG A 351 8.94 11.86 9.82
N LEU A 352 9.96 11.14 9.35
CA LEU A 352 11.02 10.66 10.21
C LEU A 352 11.73 11.82 10.90
N TYR A 353 12.09 12.86 10.14
CA TYR A 353 12.68 14.04 10.75
C TYR A 353 11.74 14.67 11.77
N ASP A 354 10.45 14.74 11.44
CA ASP A 354 9.48 15.32 12.37
C ASP A 354 9.43 14.54 13.68
N SER A 355 9.49 13.20 13.59
CA SER A 355 9.38 12.35 14.78
C SER A 355 10.60 12.46 15.69
N MET A 356 11.69 13.06 15.22
CA MET A 356 12.91 13.14 16.00
C MET A 356 13.44 14.55 16.21
N LYS A 357 12.98 15.55 15.46
CA LYS A 357 13.65 16.85 15.46
C LYS A 357 13.60 17.53 16.83
N GLY A 358 12.46 17.46 17.52
CA GLY A 358 12.24 18.21 18.73
C GLY A 358 12.55 17.41 19.98
N LYS A 359 11.97 17.85 21.09
CA LYS A 359 12.15 17.20 22.38
C LYS A 359 11.57 15.78 22.36
N GLY A 360 12.33 14.83 22.88
CA GLY A 360 11.87 13.46 22.88
C GLY A 360 11.77 12.87 21.47
N THR A 361 10.94 11.85 21.35
CA THR A 361 10.77 11.10 20.11
C THR A 361 9.32 10.65 19.98
N ARG A 362 8.74 10.87 18.80
CA ARG A 362 7.45 10.26 18.46
C ARG A 362 7.73 8.82 18.03
N ASP A 363 7.99 7.97 19.03
CA ASP A 363 8.47 6.62 18.76
C ASP A 363 7.47 5.80 17.95
N LYS A 364 6.17 6.07 18.11
CA LYS A 364 5.17 5.32 17.35
C LYS A 364 5.34 5.56 15.86
N VAL A 365 5.54 6.80 15.45
CA VAL A 365 5.72 7.12 14.04
C VAL A 365 7.06 6.60 13.55
N LEU A 366 8.13 6.85 14.31
CA LEU A 366 9.46 6.41 13.91
C LEU A 366 9.49 4.89 13.68
N ILE A 367 8.97 4.13 14.64
CA ILE A 367 9.01 2.67 14.53
C ILE A 367 8.17 2.18 13.36
N ARG A 368 6.97 2.75 13.19
CA ARG A 368 6.07 2.26 12.13
C ARG A 368 6.68 2.47 10.75
N ILE A 369 7.37 3.59 10.55
CA ILE A 369 7.99 3.86 9.26
C ILE A 369 9.21 2.97 9.05
N MET A 370 10.04 2.83 10.08
CA MET A 370 11.22 1.97 9.96
C MET A 370 10.83 0.52 9.69
N VAL A 371 9.74 0.06 10.31
CA VAL A 371 9.29 -1.32 10.09
C VAL A 371 8.64 -1.47 8.72
N SER A 372 7.66 -0.62 8.41
CA SER A 372 6.82 -0.84 7.24
C SER A 372 7.55 -0.54 5.93
N ARG A 373 8.52 0.37 5.93
CA ARG A 373 9.20 0.75 4.69
C ARG A 373 10.54 0.07 4.52
N SER A 374 10.95 -0.78 5.47
CA SER A 374 12.28 -1.38 5.43
C SER A 374 12.47 -2.27 4.21
N GLU A 375 11.39 -2.85 3.69
CA GLU A 375 11.47 -3.71 2.52
C GLU A 375 10.77 -3.09 1.31
N VAL A 376 10.52 -1.78 1.34
CA VAL A 376 9.85 -1.11 0.23
C VAL A 376 10.78 -0.08 -0.39
N ASP A 377 10.98 1.06 0.30
CA ASP A 377 11.73 2.16 -0.31
C ASP A 377 12.68 2.83 0.67
N MET A 378 13.18 2.09 1.66
CA MET A 378 14.03 2.70 2.69
C MET A 378 15.29 3.33 2.09
N LEU A 379 15.84 2.74 1.02
CA LEU A 379 17.02 3.33 0.40
C LEU A 379 16.70 4.68 -0.21
N LYS A 380 15.50 4.83 -0.76
CA LYS A 380 15.10 6.12 -1.32
C LYS A 380 14.82 7.13 -0.22
N ILE A 381 14.18 6.68 0.87
CA ILE A 381 13.95 7.54 2.02
C ILE A 381 15.28 8.07 2.54
N ARG A 382 16.28 7.21 2.67
CA ARG A 382 17.59 7.64 3.14
C ARG A 382 18.22 8.66 2.20
N SER A 383 18.08 8.45 0.89
CA SER A 383 18.64 9.37 -0.09
C SER A 383 17.98 10.75 0.02
N GLU A 384 16.65 10.76 0.13
CA GLU A 384 15.93 12.03 0.25
C GLU A 384 16.20 12.70 1.59
N PHE A 385 16.27 11.91 2.67
CA PHE A 385 16.61 12.46 3.97
C PHE A 385 17.99 13.10 3.95
N LYS A 386 18.99 12.38 3.43
CA LYS A 386 20.34 12.90 3.36
C LYS A 386 20.40 14.18 2.53
N ARG A 387 19.75 14.19 1.38
CA ARG A 387 19.80 15.35 0.49
C ARG A 387 19.22 16.59 1.17
N LYS A 388 18.13 16.41 1.91
CA LYS A 388 17.43 17.55 2.50
C LYS A 388 18.08 18.00 3.81
N TYR A 389 18.38 17.06 4.70
CA TYR A 389 18.81 17.40 6.05
C TYR A 389 20.32 17.39 6.23
N GLY A 390 21.08 17.06 5.18
CA GLY A 390 22.52 17.17 5.24
C GLY A 390 23.20 16.01 5.95
N LYS A 391 22.60 15.53 7.03
CA LYS A 391 23.07 14.35 7.76
C LYS A 391 22.10 13.20 7.51
N SER A 392 22.56 12.00 7.82
CA SER A 392 21.84 10.79 7.44
C SER A 392 20.68 10.51 8.38
N LEU A 393 19.76 9.66 7.92
CA LEU A 393 18.74 9.12 8.81
C LEU A 393 19.37 8.31 9.92
N TYR A 394 20.40 7.53 9.60
CA TYR A 394 21.17 6.80 10.60
C TYR A 394 21.60 7.71 11.73
N TYR A 395 22.10 8.90 11.40
CA TYR A 395 22.61 9.83 12.41
C TYR A 395 21.50 10.30 13.34
N TYR A 396 20.32 10.61 12.80
CA TYR A 396 19.25 11.12 13.64
C TYR A 396 18.69 10.04 14.55
N ILE A 397 18.55 8.82 14.04
CA ILE A 397 18.17 7.70 14.90
C ILE A 397 19.19 7.54 16.01
N GLN A 398 20.48 7.70 15.69
CA GLN A 398 21.53 7.53 16.70
C GLN A 398 21.38 8.55 17.82
N GLN A 399 21.17 9.82 17.48
CA GLN A 399 21.12 10.86 18.51
C GLN A 399 19.85 10.77 19.34
N ASP A 400 18.78 10.20 18.80
CA ASP A 400 17.47 10.23 19.43
C ASP A 400 17.11 8.95 20.18
N THR A 401 17.79 7.84 19.91
CA THR A 401 17.48 6.58 20.57
C THR A 401 18.74 5.97 21.13
N LYS A 402 18.57 5.02 22.05
CA LYS A 402 19.70 4.42 22.74
C LYS A 402 19.49 2.92 22.89
N GLY A 403 20.57 2.23 23.24
CA GLY A 403 20.49 0.82 23.58
C GLY A 403 20.12 -0.08 22.41
N ASP A 404 19.62 -1.26 22.78
CA ASP A 404 19.25 -2.26 21.78
C ASP A 404 18.11 -1.78 20.90
N TYR A 405 17.26 -0.89 21.42
CA TYR A 405 16.22 -0.25 20.60
C TYR A 405 16.85 0.55 19.47
N GLN A 406 17.85 1.37 19.80
CA GLN A 406 18.59 2.07 18.76
C GLN A 406 19.24 1.11 17.79
N LYS A 407 19.78 0.00 18.31
CA LYS A 407 20.47 -0.96 17.45
C LYS A 407 19.53 -1.56 16.41
N ALA A 408 18.33 -1.95 16.85
CA ALA A 408 17.34 -2.52 15.93
C ALA A 408 16.91 -1.50 14.88
N LEU A 409 16.69 -0.25 15.28
CA LEU A 409 16.29 0.78 14.32
C LEU A 409 17.40 1.04 13.31
N LEU A 410 18.66 1.07 13.78
CA LEU A 410 19.78 1.28 12.87
C LEU A 410 19.92 0.12 11.90
N TYR A 411 19.62 -1.10 12.35
CA TYR A 411 19.63 -2.24 11.43
C TYR A 411 18.57 -2.08 10.36
N LEU A 412 17.36 -1.65 10.73
CA LEU A 412 16.33 -1.42 9.73
C LEU A 412 16.69 -0.27 8.81
N CYS A 413 17.48 0.68 9.33
CA CYS A 413 18.00 1.74 8.47
C CYS A 413 18.93 1.18 7.41
N GLY A 414 19.77 0.21 7.79
CA GLY A 414 20.60 -0.50 6.85
C GLY A 414 22.00 0.05 6.67
N GLY A 415 22.24 1.29 7.06
CA GLY A 415 23.57 1.85 6.93
C GLY A 415 23.52 3.37 7.00
N ASP A 416 24.71 3.95 6.93
CA ASP A 416 24.84 5.40 7.01
C ASP A 416 24.64 6.02 5.63
N ASP A 417 24.13 7.26 5.64
CA ASP A 417 23.65 7.94 4.43
C ASP A 417 22.63 7.08 3.69
N GLY B 1 -19.49 -6.99 -3.69
CA GLY B 1 -18.71 -6.99 -4.92
C GLY B 1 -18.91 -8.25 -5.73
N GLY B 2 -18.21 -8.35 -6.87
CA GLY B 2 -18.29 -9.51 -7.71
C GLY B 2 -18.59 -9.20 -9.16
N GLY B 3 -17.92 -9.90 -10.08
CA GLY B 3 -18.16 -9.70 -11.49
C GLY B 3 -19.22 -10.62 -12.05
N THR B 4 -18.98 -11.16 -13.25
CA THR B 4 -19.93 -12.04 -13.90
C THR B 4 -19.19 -13.30 -14.37
N SER B 5 -19.71 -14.46 -13.97
CA SER B 5 -19.11 -15.72 -14.40
C SER B 5 -19.33 -15.93 -15.89
N VAL B 6 -18.25 -16.27 -16.60
CA VAL B 6 -18.32 -16.57 -18.02
C VAL B 6 -17.58 -17.88 -18.30
CA CA C . 19.96 -8.64 28.77
CA CA D . 7.18 -7.16 27.83
CA CA E . -11.30 29.32 -1.99
CA CA F . 14.34 14.24 19.45
C1 GOL G . -0.42 7.74 -2.97
O1 GOL G . -0.23 7.04 -1.76
C2 GOL G . -1.78 7.28 -3.56
O2 GOL G . -2.84 7.49 -2.69
C3 GOL G . -1.62 5.77 -3.92
O3 GOL G . -0.25 5.48 -3.92
C1 GOL H . 3.52 -0.45 2.88
O1 GOL H . 4.76 -0.13 3.42
C2 GOL H . 3.30 -1.98 3.08
O2 GOL H . 3.76 -2.43 4.32
C3 GOL H . 1.78 -2.19 2.88
O3 GOL H . 1.44 -3.35 3.57
C1 GOL I . -2.05 -21.09 -29.24
O1 GOL I . -2.63 -19.83 -29.28
C2 GOL I . -3.21 -22.12 -29.22
O2 GOL I . -4.01 -21.95 -28.10
C3 GOL I . -3.99 -21.87 -30.53
O3 GOL I . -4.29 -23.12 -31.07
C1 GOL J . -4.77 8.95 -17.81
O1 GOL J . -6.06 9.32 -18.21
C2 GOL J . -4.89 8.22 -16.43
O2 GOL J . -3.69 7.59 -16.07
C3 GOL J . -5.30 9.31 -15.43
O3 GOL J . -5.73 8.66 -14.30
#